data_5YD5
#
_entry.id   5YD5
#
_cell.length_a   61.620
_cell.length_b   81.900
_cell.length_c   114.220
_cell.angle_alpha   90.00
_cell.angle_beta   90.00
_cell.angle_gamma   90.00
#
_symmetry.space_group_name_H-M   'P 2 21 21'
#
loop_
_entity.id
_entity.type
_entity.pdbx_description
1 polymer 'scFv 4B08'
2 polymer 'Peptide epitope (mutation N3A)'
3 non-polymer 'SULFATE ION'
4 water water
#
loop_
_entity_poly.entity_id
_entity_poly.type
_entity_poly.pdbx_seq_one_letter_code
_entity_poly.pdbx_strand_id
1 'polypeptide(L)'
;EVQLQQSGAELVRPGTSVKMSCKAAGYTFTKYWIGWVKQRPGHGLEWIGDIHPGSFYSNYNEKFKGKATLTADTSSSTAY
MQLSSLTSEDSAIYYCARDYYTNYGDWGQGTSVTVSSAGGGGSGGGGSGGGGSGGGGSDIVMTQAAPSVSVTPGESVSIS
CRSSKSLLHRNGNTYLFWFLQRPGQSPQLLIYRMSNLASGVPDRFSGSGSGTAFTLRISRVEAEDVGVYYCMQHLEYPYT
FGSGTKLELKV
;
A,C
2 'polypeptide(L)' DIAYYTSEP B,D
#
loop_
_chem_comp.id
_chem_comp.type
_chem_comp.name
_chem_comp.formula
SO4 non-polymer 'SULFATE ION' 'O4 S -2'
#
# COMPACT_ATOMS: atom_id res chain seq x y z
N GLU A 1 -28.53 10.07 -15.87
CA GLU A 1 -27.08 9.86 -16.17
C GLU A 1 -26.28 9.91 -14.84
N VAL A 2 -25.02 9.46 -14.88
CA VAL A 2 -24.12 9.61 -13.76
C VAL A 2 -23.77 11.11 -13.62
N GLN A 3 -23.80 11.65 -12.41
CA GLN A 3 -23.37 13.01 -12.17
C GLN A 3 -22.46 13.02 -10.96
N LEU A 4 -21.36 13.79 -11.03
CA LEU A 4 -20.50 14.04 -9.88
C LEU A 4 -20.45 15.53 -9.64
N GLN A 5 -20.99 15.99 -8.50
CA GLN A 5 -21.13 17.44 -8.24
C GLN A 5 -20.11 17.87 -7.21
N GLN A 6 -19.16 18.70 -7.59
CA GLN A 6 -18.10 19.11 -6.66
C GLN A 6 -18.40 20.45 -6.04
N SER A 7 -17.83 20.66 -4.86
CA SER A 7 -18.02 21.87 -4.08
C SER A 7 -17.33 23.09 -4.67
N GLY A 8 -17.65 24.26 -4.10
CA GLY A 8 -17.24 25.56 -4.65
C GLY A 8 -15.76 25.88 -4.48
N ALA A 9 -15.32 26.85 -5.24
CA ALA A 9 -13.95 27.28 -5.28
C ALA A 9 -13.46 27.73 -3.90
N GLU A 10 -12.19 27.51 -3.62
CA GLU A 10 -11.56 28.00 -2.38
C GLU A 10 -10.45 29.00 -2.70
N LEU A 11 -10.37 30.05 -1.87
CA LEU A 11 -9.32 31.07 -1.97
C LEU A 11 -8.76 31.27 -0.59
N VAL A 12 -7.59 30.69 -0.32
CA VAL A 12 -7.18 30.50 1.08
C VAL A 12 -5.72 30.82 1.28
N ARG A 13 -5.39 31.16 2.51
CA ARG A 13 -3.99 31.51 2.85
C ARG A 13 -3.03 30.30 2.88
N PRO A 14 -1.75 30.53 2.55
CA PRO A 14 -0.74 29.54 2.86
C PRO A 14 -0.85 29.04 4.31
N GLY A 15 -0.68 27.75 4.51
CA GLY A 15 -0.74 27.15 5.85
C GLY A 15 -2.12 26.69 6.30
N THR A 16 -3.15 27.03 5.55
CA THR A 16 -4.50 26.57 5.88
C THR A 16 -4.75 25.16 5.32
N SER A 17 -5.97 24.65 5.54
CA SER A 17 -6.44 23.42 4.94
C SER A 17 -7.80 23.60 4.32
N VAL A 18 -8.11 22.75 3.34
CA VAL A 18 -9.42 22.72 2.73
C VAL A 18 -9.94 21.31 2.67
N LYS A 19 -11.26 21.20 2.72
CA LYS A 19 -11.94 19.94 2.56
C LYS A 19 -13.00 20.14 1.50
N MET A 20 -12.90 19.39 0.41
CA MET A 20 -13.79 19.54 -0.73
C MET A 20 -14.61 18.27 -0.91
N SER A 21 -15.78 18.43 -1.52
CA SER A 21 -16.75 17.35 -1.66
C SER A 21 -17.05 17.04 -3.11
N CYS A 22 -17.49 15.81 -3.33
CA CYS A 22 -17.82 15.29 -4.63
C CYS A 22 -19.07 14.43 -4.42
N LYS A 23 -20.22 14.93 -4.82
CA LYS A 23 -21.50 14.24 -4.51
C LYS A 23 -21.91 13.44 -5.74
N ALA A 24 -22.14 12.15 -5.53
CA ALA A 24 -22.36 11.20 -6.61
C ALA A 24 -23.83 10.94 -6.79
N ALA A 25 -24.26 10.93 -8.05
CA ALA A 25 -25.62 10.58 -8.43
C ALA A 25 -25.59 9.67 -9.65
N GLY A 26 -26.58 8.77 -9.74
CA GLY A 26 -26.83 8.00 -10.95
C GLY A 26 -26.28 6.61 -11.04
N TYR A 27 -25.74 6.10 -9.93
CA TYR A 27 -25.14 4.78 -9.94
C TYR A 27 -24.93 4.38 -8.51
N THR A 28 -24.48 3.17 -8.30
CA THR A 28 -24.35 2.72 -6.93
C THR A 28 -23.01 3.12 -6.30
N PHE A 29 -23.11 4.01 -5.32
CA PHE A 29 -21.96 4.71 -4.73
C PHE A 29 -20.95 3.76 -4.12
N THR A 30 -21.46 2.68 -3.53
CA THR A 30 -20.63 1.70 -2.83
C THR A 30 -20.05 0.64 -3.76
N LYS A 31 -20.24 0.76 -5.07
CA LYS A 31 -19.71 -0.23 -5.97
C LYS A 31 -18.45 0.20 -6.71
N TYR A 32 -18.26 1.50 -6.93
CA TYR A 32 -17.19 1.97 -7.78
C TYR A 32 -16.19 2.82 -7.04
N TRP A 33 -14.93 2.62 -7.37
CA TRP A 33 -13.84 3.49 -6.90
C TRP A 33 -14.02 4.92 -7.45
N ILE A 34 -13.68 5.91 -6.63
CA ILE A 34 -13.58 7.28 -7.07
C ILE A 34 -12.12 7.69 -7.02
N GLY A 35 -11.61 8.21 -8.12
CA GLY A 35 -10.23 8.74 -8.17
C GLY A 35 -10.21 10.25 -8.11
N TRP A 36 -9.07 10.81 -7.72
CA TRP A 36 -8.95 12.25 -7.66
C TRP A 36 -7.72 12.67 -8.43
N VAL A 37 -7.88 13.79 -9.15
CA VAL A 37 -6.89 14.27 -10.07
C VAL A 37 -6.65 15.78 -9.87
N LYS A 38 -5.37 16.16 -9.88
CA LYS A 38 -4.91 17.51 -9.73
C LYS A 38 -4.50 18.09 -11.07
N GLN A 39 -5.13 19.18 -11.45
CA GLN A 39 -4.82 19.89 -12.68
C GLN A 39 -4.23 21.29 -12.34
N ARG A 40 -2.91 21.37 -12.35
CA ARG A 40 -2.17 22.57 -12.01
C ARG A 40 -1.57 23.15 -13.29
N PRO A 41 -1.82 24.45 -13.58
CA PRO A 41 -1.28 25.05 -14.82
C PRO A 41 0.22 24.83 -14.94
N GLY A 42 0.66 24.40 -16.11
CA GLY A 42 2.06 24.11 -16.36
C GLY A 42 2.45 22.71 -15.95
N HIS A 43 1.55 21.96 -15.29
CA HIS A 43 1.83 20.65 -14.73
C HIS A 43 0.81 19.58 -15.10
N GLY A 44 0.11 19.79 -16.20
CA GLY A 44 -0.74 18.75 -16.74
C GLY A 44 -1.77 18.25 -15.76
N LEU A 45 -1.90 16.93 -15.71
CA LEU A 45 -2.79 16.21 -14.84
C LEU A 45 -1.91 15.28 -14.03
N GLU A 46 -2.27 15.11 -12.77
CA GLU A 46 -1.51 14.30 -11.81
C GLU A 46 -2.50 13.52 -10.96
N TRP A 47 -2.27 12.22 -10.80
CA TRP A 47 -3.19 11.37 -10.09
C TRP A 47 -2.87 11.38 -8.64
N ILE A 48 -3.90 11.62 -7.83
CA ILE A 48 -3.76 11.76 -6.38
C ILE A 48 -3.96 10.41 -5.67
N GLY A 49 -5.07 9.74 -5.97
CA GLY A 49 -5.41 8.56 -5.26
C GLY A 49 -6.82 8.17 -5.52
N ASP A 50 -7.21 7.02 -4.97
CA ASP A 50 -8.57 6.59 -5.07
C ASP A 50 -9.10 5.99 -3.78
N ILE A 51 -10.42 5.85 -3.74
CA ILE A 51 -11.08 5.31 -2.60
C ILE A 51 -12.32 4.50 -3.04
N HIS A 52 -12.62 3.44 -2.28
CA HIS A 52 -13.78 2.58 -2.51
C HIS A 52 -14.77 2.90 -1.40
N PRO A 53 -15.89 3.54 -1.72
CA PRO A 53 -16.80 3.94 -0.64
C PRO A 53 -17.49 2.79 0.07
N GLY A 54 -17.53 1.61 -0.55
CA GLY A 54 -18.02 0.38 0.09
C GLY A 54 -17.11 -0.16 1.19
N SER A 55 -15.83 -0.31 0.91
CA SER A 55 -14.89 -0.91 1.85
C SER A 55 -14.03 0.11 2.59
N PHE A 56 -14.03 1.37 2.15
CA PHE A 56 -13.12 2.39 2.67
C PHE A 56 -11.64 2.11 2.40
N TYR A 57 -11.31 1.14 1.56
CA TYR A 57 -9.92 1.02 1.12
C TYR A 57 -9.58 2.23 0.29
N SER A 58 -8.37 2.73 0.50
CA SER A 58 -7.89 3.88 -0.24
C SER A 58 -6.45 3.65 -0.64
N ASN A 59 -6.06 4.24 -1.77
CA ASN A 59 -4.69 4.14 -2.30
C ASN A 59 -4.25 5.51 -2.75
N TYR A 60 -3.03 5.89 -2.40
CA TYR A 60 -2.51 7.22 -2.68
C TYR A 60 -1.22 7.15 -3.47
N ASN A 61 -1.07 8.12 -4.35
CA ASN A 61 0.20 8.45 -4.93
C ASN A 61 1.09 8.96 -3.78
N GLU A 62 2.26 8.36 -3.62
CA GLU A 62 3.15 8.70 -2.51
CA GLU A 62 3.23 8.68 -2.54
C GLU A 62 3.57 10.16 -2.46
N LYS A 63 3.60 10.80 -3.62
CA LYS A 63 3.78 12.22 -3.71
C LYS A 63 2.77 13.02 -2.92
N PHE A 64 1.60 12.45 -2.64
CA PHE A 64 0.59 13.17 -1.89
C PHE A 64 0.42 12.72 -0.46
N LYS A 65 1.30 11.83 0.02
CA LYS A 65 1.25 11.35 1.38
C LYS A 65 1.49 12.53 2.33
N GLY A 66 0.51 12.77 3.20
CA GLY A 66 0.54 13.91 4.12
C GLY A 66 -0.06 15.16 3.53
N LYS A 67 -0.35 15.15 2.23
CA LYS A 67 -0.96 16.28 1.60
C LYS A 67 -2.46 16.01 1.49
N ALA A 68 -2.81 14.91 0.83
CA ALA A 68 -4.21 14.61 0.59
C ALA A 68 -4.71 13.50 1.50
N THR A 69 -5.96 13.65 1.96
CA THR A 69 -6.67 12.59 2.70
C THR A 69 -8.06 12.37 2.10
N LEU A 70 -8.35 11.13 1.68
CA LEU A 70 -9.60 10.79 1.00
C LEU A 70 -10.55 10.11 1.95
N THR A 71 -11.82 10.49 1.93
CA THR A 71 -12.85 9.82 2.74
C THR A 71 -14.12 9.75 1.95
N ALA A 72 -15.11 9.02 2.49
CA ALA A 72 -16.41 8.95 1.86
C ALA A 72 -17.50 8.82 2.90
N ASP A 73 -18.66 9.40 2.59
CA ASP A 73 -19.80 9.37 3.50
C ASP A 73 -20.94 8.73 2.73
N THR A 74 -21.21 7.47 3.02
CA THR A 74 -22.23 6.74 2.30
C THR A 74 -23.64 7.20 2.66
N SER A 75 -23.82 7.92 3.78
CA SER A 75 -25.14 8.44 4.13
C SER A 75 -25.64 9.52 3.15
N SER A 76 -24.72 10.26 2.52
CA SER A 76 -25.05 11.28 1.51
C SER A 76 -24.43 11.04 0.14
N SER A 77 -23.89 9.84 -0.10
CA SER A 77 -23.26 9.48 -1.36
C SER A 77 -22.24 10.54 -1.78
N THR A 78 -21.41 10.98 -0.80
CA THR A 78 -20.41 12.03 -1.01
C THR A 78 -19.01 11.53 -0.71
N ALA A 79 -18.07 11.83 -1.61
CA ALA A 79 -16.65 11.58 -1.36
C ALA A 79 -15.97 12.89 -1.03
N TYR A 80 -14.93 12.85 -0.20
CA TYR A 80 -14.23 14.05 0.23
C TYR A 80 -12.75 13.93 0.03
N MET A 81 -12.13 15.08 -0.22
CA MET A 81 -10.68 15.17 -0.17
C MET A 81 -10.33 16.38 0.68
N GLN A 82 -9.48 16.15 1.66
CA GLN A 82 -8.87 17.21 2.46
C GLN A 82 -7.44 17.43 2.02
N LEU A 83 -7.07 18.68 1.78
CA LEU A 83 -5.69 19.06 1.46
C LEU A 83 -5.13 19.83 2.67
N SER A 84 -4.03 19.35 3.23
CA SER A 84 -3.48 19.93 4.49
C SER A 84 -2.30 20.84 4.21
N SER A 85 -2.15 21.85 5.07
CA SER A 85 -0.97 22.70 5.08
C SER A 85 -0.62 23.24 3.71
N LEU A 86 -1.51 24.08 3.18
CA LEU A 86 -1.48 24.48 1.79
C LEU A 86 -0.35 25.42 1.45
N THR A 87 0.25 25.20 0.28
CA THR A 87 1.29 26.09 -0.28
C THR A 87 0.93 26.47 -1.72
N SER A 88 1.68 27.40 -2.30
CA SER A 88 1.41 27.83 -3.67
C SER A 88 1.44 26.66 -4.70
N GLU A 89 2.12 25.56 -4.37
CA GLU A 89 2.15 24.36 -5.22
C GLU A 89 0.84 23.58 -5.28
N ASP A 90 -0.05 23.87 -4.32
CA ASP A 90 -1.35 23.28 -4.23
C ASP A 90 -2.42 24.04 -5.02
N SER A 91 -2.11 25.21 -5.57
CA SER A 91 -3.08 25.96 -6.35
C SER A 91 -3.34 25.20 -7.67
N ALA A 92 -4.57 24.78 -7.88
CA ALA A 92 -4.90 23.94 -9.01
C ALA A 92 -6.40 23.71 -8.97
N ILE A 93 -6.92 23.10 -10.03
CA ILE A 93 -8.26 22.53 -10.05
C ILE A 93 -8.15 21.03 -9.74
N TYR A 94 -8.99 20.60 -8.81
CA TYR A 94 -8.98 19.25 -8.31
C TYR A 94 -10.27 18.58 -8.80
N TYR A 95 -10.12 17.44 -9.49
CA TYR A 95 -11.26 16.69 -10.01
C TYR A 95 -11.50 15.39 -9.28
N CYS A 96 -12.77 15.00 -9.14
CA CYS A 96 -13.12 13.61 -8.83
C CYS A 96 -13.64 12.92 -10.08
N ALA A 97 -13.46 11.61 -10.16
CA ALA A 97 -13.85 10.82 -11.30
C ALA A 97 -14.21 9.40 -10.86
N ARG A 98 -15.31 8.90 -11.43
CA ARG A 98 -15.73 7.54 -11.18
C ARG A 98 -14.95 6.58 -12.07
N ASP A 99 -14.45 5.52 -11.45
CA ASP A 99 -13.68 4.51 -12.12
C ASP A 99 -14.69 3.45 -12.52
N TYR A 100 -14.98 3.35 -13.82
CA TYR A 100 -15.92 2.33 -14.32
C TYR A 100 -15.10 1.23 -15.04
N TYR A 101 -14.78 0.14 -14.33
CA TYR A 101 -13.97 -0.96 -14.87
C TYR A 101 -12.67 -0.46 -15.52
N THR A 102 -12.04 0.49 -14.85
CA THR A 102 -10.76 1.16 -15.18
C THR A 102 -10.93 2.43 -16.03
N ASN A 103 -12.12 2.72 -16.51
CA ASN A 103 -12.34 3.91 -17.32
C ASN A 103 -12.78 5.06 -16.46
N TYR A 104 -12.00 6.13 -16.47
CA TYR A 104 -12.43 7.37 -15.79
C TYR A 104 -13.27 8.15 -16.80
N GLY A 105 -14.54 7.75 -16.91
CA GLY A 105 -15.47 8.30 -17.88
C GLY A 105 -16.31 9.45 -17.36
N ASP A 106 -16.66 9.39 -16.08
CA ASP A 106 -17.49 10.40 -15.44
C ASP A 106 -16.63 11.25 -14.53
N TRP A 107 -16.61 12.54 -14.80
CA TRP A 107 -15.81 13.52 -14.06
C TRP A 107 -16.68 14.59 -13.45
N GLY A 108 -16.24 15.11 -12.31
CA GLY A 108 -16.90 16.21 -11.66
C GLY A 108 -16.48 17.42 -12.44
N GLN A 109 -17.09 18.55 -12.12
CA GLN A 109 -16.76 19.83 -12.80
C GLN A 109 -15.48 20.47 -12.27
N GLY A 110 -14.88 19.90 -11.21
CA GLY A 110 -13.69 20.46 -10.62
C GLY A 110 -13.91 21.48 -9.50
N THR A 111 -13.01 21.48 -8.52
CA THR A 111 -12.97 22.48 -7.44
C THR A 111 -11.67 23.23 -7.56
N SER A 112 -11.81 24.53 -7.83
CA SER A 112 -10.65 25.41 -7.88
C SER A 112 -10.14 25.72 -6.46
N VAL A 113 -8.85 25.53 -6.25
CA VAL A 113 -8.16 25.90 -4.98
C VAL A 113 -7.04 26.87 -5.35
N THR A 114 -7.08 28.06 -4.76
CA THR A 114 -6.09 29.10 -5.03
C THR A 114 -5.54 29.50 -3.67
N VAL A 115 -4.23 29.40 -3.51
CA VAL A 115 -3.55 29.75 -2.30
C VAL A 115 -2.93 31.14 -2.46
N SER A 116 -3.27 32.07 -1.56
CA SER A 116 -2.88 33.46 -1.69
C SER A 116 -2.93 34.16 -0.33
N SER A 117 -2.00 35.07 -0.11
CA SER A 117 -1.94 35.87 1.12
C SER A 117 -3.24 36.65 1.38
N ALA A 118 -3.97 36.96 0.31
CA ALA A 118 -5.23 37.68 0.42
C ALA A 118 -6.45 36.76 0.64
N GLY A 119 -6.21 35.48 0.85
CA GLY A 119 -7.29 34.50 0.98
C GLY A 119 -7.84 34.41 2.40
N GLY A 120 -8.75 33.46 2.59
CA GLY A 120 -9.33 33.13 3.88
C GLY A 120 -8.61 32.06 4.71
N GLY A 121 -9.31 31.63 5.75
CA GLY A 121 -8.78 30.73 6.78
C GLY A 121 -8.98 29.23 6.53
N GLY A 122 -9.66 28.89 5.45
CA GLY A 122 -9.82 27.51 5.02
C GLY A 122 -10.90 26.83 5.81
N SER A 123 -10.88 25.50 5.76
CA SER A 123 -11.91 24.65 6.35
C SER A 123 -11.56 24.31 7.76
N GLY A 124 -10.32 24.51 8.17
CA GLY A 124 -9.87 24.05 9.48
C GLY A 124 -9.21 22.68 9.37
N GLY A 125 -8.48 22.31 10.43
CA GLY A 125 -7.75 21.03 10.49
C GLY A 125 -8.71 19.86 10.38
N GLY A 126 -8.18 18.66 10.30
CA GLY A 126 -9.06 17.49 10.15
C GLY A 126 -8.34 16.18 10.29
N GLY A 127 -8.99 15.13 9.81
CA GLY A 127 -8.34 13.86 9.63
C GLY A 127 -7.33 14.06 8.52
N SER A 128 -6.08 14.35 8.89
CA SER A 128 -4.97 14.11 7.96
C SER A 128 -4.75 12.60 7.99
N GLY A 129 -4.57 12.03 6.79
CA GLY A 129 -4.68 10.60 6.60
C GLY A 129 -3.57 9.93 5.82
N GLY A 130 -3.84 8.69 5.45
CA GLY A 130 -2.91 7.87 4.66
C GLY A 130 -3.64 6.62 4.23
N GLY A 131 -3.06 5.91 3.28
CA GLY A 131 -3.72 4.76 2.68
C GLY A 131 -3.08 3.99 1.53
N GLY A 132 -2.07 4.55 0.83
CA GLY A 132 -1.47 3.93 -0.39
C GLY A 132 -1.34 2.42 -0.47
N SER A 133 -0.77 1.86 -1.54
CA SER A 133 -0.01 2.53 -2.59
C SER A 133 0.18 1.46 -3.70
N GLY A 134 1.06 1.71 -4.66
CA GLY A 134 1.62 0.63 -5.47
C GLY A 134 2.68 -0.14 -4.66
N GLY A 135 3.35 -1.10 -5.30
CA GLY A 135 4.33 -1.94 -4.60
C GLY A 135 5.47 -1.21 -3.91
N GLY A 136 5.65 0.08 -4.22
CA GLY A 136 6.76 0.90 -3.67
C GLY A 136 8.03 0.89 -4.52
N GLY A 137 8.00 0.22 -5.68
CA GLY A 137 9.08 0.31 -6.65
C GLY A 137 8.87 1.51 -7.57
N SER A 138 9.35 1.39 -8.80
CA SER A 138 9.35 2.48 -9.78
C SER A 138 7.94 2.75 -10.36
N ASP A 139 7.56 4.02 -10.45
CA ASP A 139 6.28 4.39 -11.11
C ASP A 139 6.43 4.29 -12.62
N ILE A 140 5.32 4.06 -13.31
CA ILE A 140 5.35 3.98 -14.78
C ILE A 140 5.41 5.42 -15.29
N VAL A 141 6.44 5.73 -16.06
CA VAL A 141 6.65 7.07 -16.63
C VAL A 141 5.97 7.07 -17.95
N MET A 142 5.06 8.04 -18.14
CA MET A 142 4.30 8.19 -19.37
C MET A 142 4.87 9.41 -20.03
N THR A 143 5.30 9.28 -21.29
CA THR A 143 6.01 10.36 -22.00
CA THR A 143 5.98 10.39 -21.98
C THR A 143 5.21 10.76 -23.23
N GLN A 144 4.96 12.04 -23.40
CA GLN A 144 4.38 12.59 -24.63
C GLN A 144 5.47 13.50 -25.15
N ALA A 145 6.05 13.15 -26.28
CA ALA A 145 7.23 13.84 -26.81
C ALA A 145 6.95 15.28 -27.28
N ALA A 146 5.71 15.53 -27.72
CA ALA A 146 5.33 16.82 -28.26
C ALA A 146 4.43 17.59 -27.29
N PRO A 147 4.87 18.78 -26.81
CA PRO A 147 4.00 19.57 -25.94
C PRO A 147 2.87 20.27 -26.70
N SER A 148 3.02 20.41 -28.01
CA SER A 148 1.96 20.96 -28.82
C SER A 148 2.07 20.49 -30.24
N VAL A 149 0.97 20.69 -30.96
CA VAL A 149 0.88 20.35 -32.35
C VAL A 149 -0.16 21.25 -33.00
N SER A 150 0.16 21.69 -34.21
CA SER A 150 -0.61 22.68 -34.94
C SER A 150 -1.09 21.98 -36.21
N VAL A 151 -2.37 22.11 -36.50
CA VAL A 151 -2.99 21.40 -37.62
C VAL A 151 -3.93 22.35 -38.35
N THR A 152 -4.01 22.18 -39.66
CA THR A 152 -4.97 22.91 -40.48
C THR A 152 -6.36 22.29 -40.24
N PRO A 153 -7.41 23.13 -40.11
CA PRO A 153 -8.71 22.50 -39.81
C PRO A 153 -9.13 21.57 -40.92
N GLY A 154 -9.64 20.40 -40.56
CA GLY A 154 -10.10 19.39 -41.52
C GLY A 154 -9.00 18.45 -41.98
N GLU A 155 -7.75 18.74 -41.67
CA GLU A 155 -6.65 17.79 -41.81
C GLU A 155 -6.51 16.91 -40.54
N SER A 156 -5.63 15.92 -40.61
CA SER A 156 -5.54 14.90 -39.56
C SER A 156 -4.21 14.97 -38.87
N VAL A 157 -4.14 14.46 -37.65
CA VAL A 157 -2.94 14.56 -36.84
C VAL A 157 -2.79 13.34 -35.92
N SER A 158 -1.55 12.97 -35.63
CA SER A 158 -1.23 11.93 -34.64
C SER A 158 -0.72 12.56 -33.36
N ILE A 159 -1.25 12.10 -32.22
CA ILE A 159 -0.66 12.43 -30.94
C ILE A 159 -0.02 11.16 -30.38
N SER A 160 1.22 11.29 -29.91
CA SER A 160 2.04 10.16 -29.48
C SER A 160 2.26 10.13 -27.98
N CYS A 161 2.35 8.92 -27.45
CA CYS A 161 2.66 8.66 -26.05
C CYS A 161 3.49 7.37 -26.00
N ARG A 162 4.26 7.22 -24.94
CA ARG A 162 4.96 5.97 -24.66
CA ARG A 162 4.94 5.96 -24.66
C ARG A 162 5.07 5.74 -23.17
N SER A 163 5.13 4.47 -22.79
CA SER A 163 5.19 4.07 -21.39
C SER A 163 6.52 3.39 -21.16
N SER A 164 7.02 3.52 -19.94
CA SER A 164 8.32 2.99 -19.53
C SER A 164 8.29 1.49 -19.30
N LYS A 165 7.11 0.90 -19.16
CA LYS A 165 6.97 -0.54 -19.31
C LYS A 165 5.72 -0.87 -20.10
N SER A 166 5.58 -2.12 -20.49
CA SER A 166 4.40 -2.52 -21.26
C SER A 166 3.13 -2.30 -20.40
N LEU A 167 2.06 -1.85 -21.04
CA LEU A 167 0.75 -1.70 -20.38
C LEU A 167 -0.19 -2.88 -20.70
N LEU A 168 0.36 -3.88 -21.40
CA LEU A 168 -0.36 -5.12 -21.70
C LEU A 168 -0.53 -5.98 -20.46
N HIS A 169 -1.78 -6.29 -20.13
CA HIS A 169 -2.13 -7.12 -18.97
C HIS A 169 -2.20 -8.56 -19.42
N ARG A 170 -2.07 -9.50 -18.47
CA ARG A 170 -2.24 -10.93 -18.83
C ARG A 170 -3.66 -11.28 -19.31
N ASN A 171 -4.66 -10.44 -19.03
CA ASN A 171 -6.00 -10.63 -19.61
C ASN A 171 -6.07 -10.18 -21.07
N GLY A 172 -4.98 -9.69 -21.65
CA GLY A 172 -4.98 -9.38 -23.07
C GLY A 172 -5.29 -7.92 -23.36
N ASN A 173 -5.61 -7.12 -22.34
CA ASN A 173 -5.96 -5.74 -22.54
C ASN A 173 -4.77 -4.89 -22.23
N THR A 174 -4.73 -3.74 -22.91
CA THR A 174 -3.66 -2.80 -22.76
C THR A 174 -4.22 -1.55 -22.09
N TYR A 175 -3.71 -1.25 -20.89
CA TYR A 175 -4.42 -0.30 -20.01
C TYR A 175 -3.95 1.11 -20.25
N LEU A 176 -4.18 1.56 -21.48
CA LEU A 176 -3.77 2.89 -21.94
C LEU A 176 -5.05 3.67 -22.27
N PHE A 177 -5.12 4.92 -21.82
CA PHE A 177 -6.28 5.79 -21.96
C PHE A 177 -5.87 7.13 -22.51
N TRP A 178 -6.73 7.70 -23.35
CA TRP A 178 -6.57 9.05 -23.86
C TRP A 178 -7.70 9.96 -23.39
N PHE A 179 -7.31 11.15 -22.96
CA PHE A 179 -8.24 12.16 -22.50
C PHE A 179 -8.00 13.44 -23.29
N LEU A 180 -9.08 14.21 -23.46
CA LEU A 180 -9.01 15.58 -23.97
C LEU A 180 -9.57 16.58 -22.91
N GLN A 181 -8.82 17.64 -22.62
CA GLN A 181 -9.36 18.69 -21.77
C GLN A 181 -9.46 19.97 -22.60
N ARG A 182 -10.69 20.37 -22.86
CA ARG A 182 -10.95 21.62 -23.63
C ARG A 182 -10.93 22.82 -22.67
N PRO A 183 -10.73 24.03 -23.23
CA PRO A 183 -10.79 25.23 -22.37
C PRO A 183 -12.09 25.29 -21.55
N GLY A 184 -11.93 25.46 -20.24
CA GLY A 184 -13.02 25.61 -19.28
C GLY A 184 -13.82 24.36 -19.02
N GLN A 185 -13.29 23.20 -19.42
CA GLN A 185 -14.00 21.91 -19.22
C GLN A 185 -13.16 20.96 -18.38
N SER A 186 -13.84 19.98 -17.81
CA SER A 186 -13.20 18.84 -17.19
C SER A 186 -12.58 17.95 -18.27
N PRO A 187 -11.55 17.14 -17.92
CA PRO A 187 -11.08 16.12 -18.88
C PRO A 187 -12.21 15.21 -19.34
N GLN A 188 -12.15 14.82 -20.60
CA GLN A 188 -13.10 13.91 -21.22
C GLN A 188 -12.32 12.66 -21.71
N LEU A 189 -12.82 11.47 -21.39
CA LEU A 189 -12.27 10.22 -21.87
C LEU A 189 -12.62 10.03 -23.34
N LEU A 190 -11.60 9.76 -24.15
CA LEU A 190 -11.77 9.54 -25.58
C LEU A 190 -11.66 8.06 -25.99
N ILE A 191 -10.60 7.43 -25.51
CA ILE A 191 -10.25 6.06 -25.88
C ILE A 191 -9.84 5.35 -24.58
N TYR A 192 -10.37 4.15 -24.39
CA TYR A 192 -10.11 3.36 -23.22
C TYR A 192 -9.53 2.02 -23.64
N ARG A 193 -8.68 1.46 -22.79
CA ARG A 193 -7.90 0.27 -23.12
C ARG A 193 -7.30 0.26 -24.54
N MET A 194 -6.61 1.34 -24.85
CA MET A 194 -5.73 1.52 -26.03
C MET A 194 -6.49 1.86 -27.30
N SER A 195 -7.58 1.16 -27.60
CA SER A 195 -8.24 1.29 -28.88
C SER A 195 -9.79 1.33 -28.86
N ASN A 196 -10.41 1.42 -27.70
CA ASN A 196 -11.85 1.38 -27.62
C ASN A 196 -12.32 2.80 -27.53
N LEU A 197 -13.25 3.13 -28.42
CA LEU A 197 -13.86 4.46 -28.45
C LEU A 197 -14.93 4.62 -27.36
N ALA A 198 -14.76 5.64 -26.53
CA ALA A 198 -15.72 5.95 -25.47
C ALA A 198 -17.05 6.41 -26.07
N SER A 199 -18.15 6.08 -25.39
CA SER A 199 -19.50 6.59 -25.72
C SER A 199 -19.50 8.06 -25.99
N GLY A 200 -20.18 8.44 -27.08
CA GLY A 200 -20.36 9.82 -27.43
C GLY A 200 -19.14 10.54 -27.97
N VAL A 201 -18.06 9.80 -28.25
CA VAL A 201 -16.87 10.40 -28.80
C VAL A 201 -16.95 10.13 -30.31
N PRO A 202 -16.67 11.15 -31.14
CA PRO A 202 -16.71 10.88 -32.58
C PRO A 202 -15.72 9.80 -33.04
N ASP A 203 -16.13 8.99 -34.01
CA ASP A 203 -15.25 7.95 -34.53
C ASP A 203 -14.13 8.49 -35.46
N ARG A 204 -14.02 9.83 -35.55
CA ARG A 204 -12.81 10.49 -36.00
C ARG A 204 -11.59 10.23 -35.13
N PHE A 205 -11.82 9.86 -33.87
CA PHE A 205 -10.76 9.51 -32.93
C PHE A 205 -10.45 8.03 -32.96
N SER A 206 -9.16 7.70 -33.08
CA SER A 206 -8.74 6.31 -33.09
C SER A 206 -7.48 6.10 -32.29
N GLY A 207 -7.47 5.02 -31.50
CA GLY A 207 -6.34 4.67 -30.66
C GLY A 207 -5.69 3.39 -31.11
N SER A 208 -4.36 3.38 -31.16
CA SER A 208 -3.60 2.20 -31.50
C SER A 208 -2.27 2.18 -30.67
N GLY A 209 -1.55 1.06 -30.78
CA GLY A 209 -0.28 0.92 -30.09
C GLY A 209 0.39 -0.43 -30.16
N SER A 210 1.64 -0.43 -29.69
CA SER A 210 2.44 -1.65 -29.55
C SER A 210 2.33 -2.30 -28.20
N GLY A 211 1.87 -1.63 -27.15
CA GLY A 211 2.21 -2.09 -25.74
C GLY A 211 3.03 -1.10 -24.90
N THR A 212 4.06 -0.50 -25.52
CA THR A 212 4.87 0.59 -24.95
C THR A 212 4.83 1.91 -25.73
N ALA A 213 4.30 1.90 -26.95
CA ALA A 213 4.18 3.09 -27.81
C ALA A 213 2.74 3.14 -28.34
N PHE A 214 2.17 4.36 -28.34
CA PHE A 214 0.74 4.57 -28.65
C PHE A 214 0.50 5.78 -29.51
N THR A 215 -0.60 5.74 -30.27
CA THR A 215 -0.97 6.84 -31.17
C THR A 215 -2.46 7.08 -31.04
N LEU A 216 -2.82 8.32 -30.75
CA LEU A 216 -4.15 8.80 -30.91
C LEU A 216 -4.18 9.52 -32.25
N ARG A 217 -4.92 8.95 -33.20
CA ARG A 217 -5.05 9.54 -34.51
C ARG A 217 -6.37 10.29 -34.58
N ILE A 218 -6.30 11.60 -34.86
CA ILE A 218 -7.47 12.48 -34.92
C ILE A 218 -7.65 12.82 -36.37
N SER A 219 -8.69 12.24 -36.97
CA SER A 219 -8.95 12.45 -38.38
C SER A 219 -9.81 13.69 -38.53
N ARG A 220 -9.48 14.52 -39.51
CA ARG A 220 -10.33 15.63 -39.94
C ARG A 220 -10.67 16.56 -38.76
N VAL A 221 -9.63 17.21 -38.25
CA VAL A 221 -9.70 17.95 -36.98
C VAL A 221 -10.69 19.09 -37.10
N GLU A 222 -11.56 19.21 -36.10
CA GLU A 222 -12.56 20.25 -35.99
C GLU A 222 -12.23 21.16 -34.85
N ALA A 223 -12.86 22.32 -34.85
CA ALA A 223 -12.65 23.32 -33.80
C ALA A 223 -12.87 22.74 -32.41
N GLU A 224 -13.83 21.81 -32.26
CA GLU A 224 -14.16 21.25 -30.92
C GLU A 224 -13.09 20.26 -30.36
N ASP A 225 -12.10 19.92 -31.19
CA ASP A 225 -10.97 19.06 -30.85
C ASP A 225 -9.80 19.81 -30.22
N VAL A 226 -9.87 21.14 -30.22
CA VAL A 226 -8.85 21.99 -29.62
C VAL A 226 -8.83 21.82 -28.11
N GLY A 227 -7.64 21.67 -27.56
CA GLY A 227 -7.45 21.42 -26.13
C GLY A 227 -6.17 20.64 -25.92
N VAL A 228 -5.99 20.09 -24.72
CA VAL A 228 -4.81 19.31 -24.36
C VAL A 228 -5.18 17.84 -24.24
N TYR A 229 -4.45 17.01 -24.97
CA TYR A 229 -4.63 15.59 -24.98
C TYR A 229 -3.63 14.94 -24.03
N TYR A 230 -4.14 14.10 -23.14
CA TYR A 230 -3.31 13.37 -22.17
C TYR A 230 -3.49 11.87 -22.36
N CYS A 231 -2.37 11.13 -22.32
CA CYS A 231 -2.42 9.68 -22.15
C CYS A 231 -2.34 9.40 -20.67
N MET A 232 -2.83 8.23 -20.29
CA MET A 232 -2.78 7.76 -18.90
C MET A 232 -2.78 6.25 -18.83
N GLN A 233 -2.07 5.71 -17.85
CA GLN A 233 -2.01 4.25 -17.66
C GLN A 233 -2.78 3.93 -16.42
N HIS A 234 -3.61 2.91 -16.49
CA HIS A 234 -4.40 2.41 -15.38
C HIS A 234 -4.04 0.93 -15.10
N LEU A 235 -2.77 0.58 -15.30
CA LEU A 235 -2.33 -0.80 -15.08
C LEU A 235 -1.98 -1.00 -13.63
N GLU A 236 -1.14 -0.11 -13.08
CA GLU A 236 -0.71 -0.27 -11.71
C GLU A 236 -0.62 1.05 -10.98
N TYR A 237 -0.87 0.99 -9.68
CA TYR A 237 -0.77 2.14 -8.84
C TYR A 237 0.70 2.59 -8.80
N PRO A 238 0.98 3.90 -8.65
CA PRO A 238 0.02 4.96 -8.84
C PRO A 238 -0.28 5.16 -10.33
N TYR A 239 -1.50 5.55 -10.66
CA TYR A 239 -1.81 5.83 -12.06
C TYR A 239 -1.08 7.07 -12.45
N THR A 240 -0.64 7.11 -13.70
CA THR A 240 0.20 8.18 -14.17
C THR A 240 -0.23 8.67 -15.53
N PHE A 241 -0.04 9.98 -15.73
CA PHE A 241 -0.40 10.66 -16.96
C PHE A 241 0.84 11.12 -17.69
N GLY A 242 0.72 11.22 -19.01
CA GLY A 242 1.69 11.98 -19.79
C GLY A 242 1.56 13.47 -19.54
N SER A 243 2.55 14.22 -20.02
CA SER A 243 2.62 15.65 -19.77
C SER A 243 1.70 16.49 -20.65
N GLY A 244 1.07 15.88 -21.65
CA GLY A 244 0.00 16.55 -22.39
C GLY A 244 0.47 17.13 -23.71
N THR A 245 -0.37 17.02 -24.73
CA THR A 245 -0.07 17.59 -26.04
C THR A 245 -1.21 18.56 -26.40
N LYS A 246 -0.86 19.85 -26.49
CA LYS A 246 -1.82 20.90 -26.82
C LYS A 246 -2.05 20.90 -28.32
N LEU A 247 -3.30 20.67 -28.72
CA LEU A 247 -3.68 20.79 -30.14
C LEU A 247 -4.25 22.16 -30.36
N GLU A 248 -3.69 22.86 -31.35
CA GLU A 248 -4.23 24.15 -31.79
C GLU A 248 -4.51 24.15 -33.30
N LEU A 249 -5.55 24.88 -33.71
CA LEU A 249 -5.83 25.05 -35.12
C LEU A 249 -4.98 26.13 -35.72
N LYS A 250 -4.44 25.88 -36.91
CA LYS A 250 -3.81 26.90 -37.74
C LYS A 250 -4.90 27.37 -38.71
N VAL A 251 -5.82 28.23 -38.26
CA VAL A 251 -7.01 28.60 -39.09
C VAL A 251 -6.67 29.66 -40.14
N ILE B 2 -16.33 -5.58 -9.46
CA ILE B 2 -15.16 -4.72 -9.15
C ILE B 2 -14.65 -5.04 -7.74
N ALA B 3 -13.36 -5.30 -7.64
CA ALA B 3 -12.74 -5.69 -6.38
C ALA B 3 -12.85 -4.53 -5.38
N TYR B 4 -13.20 -4.87 -4.14
CA TYR B 4 -13.23 -3.86 -3.08
C TYR B 4 -11.85 -3.45 -2.59
N TYR B 5 -10.79 -4.14 -3.01
CA TYR B 5 -9.46 -3.96 -2.36
C TYR B 5 -8.46 -3.27 -3.27
N THR B 6 -8.76 -3.20 -4.58
CA THR B 6 -7.99 -2.39 -5.54
C THR B 6 -8.82 -2.05 -6.75
N SER B 7 -8.47 -0.93 -7.39
CA SER B 7 -9.07 -0.60 -8.69
C SER B 7 -8.25 -1.11 -9.87
N GLU B 8 -7.06 -1.61 -9.58
CA GLU B 8 -6.15 -2.09 -10.61
C GLU B 8 -6.75 -3.33 -11.27
N PRO B 9 -6.59 -3.47 -12.58
CA PRO B 9 -7.14 -4.62 -13.28
C PRO B 9 -6.38 -5.88 -12.93
N GLU C 1 25.96 -10.61 3.42
CA GLU C 1 24.56 -10.19 3.70
C GLU C 1 24.28 -10.28 5.22
N VAL C 2 23.06 -9.95 5.61
CA VAL C 2 22.65 -10.06 7.01
C VAL C 2 22.49 -11.55 7.35
N GLN C 3 23.05 -11.96 8.48
CA GLN C 3 22.82 -13.31 9.01
C GLN C 3 22.45 -13.24 10.49
N LEU C 4 21.50 -14.09 10.89
CA LEU C 4 21.13 -14.30 12.30
C LEU C 4 21.19 -15.78 12.59
N GLN C 5 22.18 -16.19 13.38
CA GLN C 5 22.51 -17.61 13.57
C GLN C 5 22.13 -17.93 14.97
N GLN C 6 21.07 -18.73 15.12
CA GLN C 6 20.52 -19.07 16.43
C GLN C 6 21.08 -20.39 16.90
N SER C 7 21.11 -20.57 18.22
CA SER C 7 21.72 -21.72 18.89
C SER C 7 20.84 -22.94 18.74
N GLY C 8 21.40 -24.09 19.09
CA GLY C 8 20.77 -25.36 18.79
C GLY C 8 19.57 -25.68 19.66
N ALA C 9 18.84 -26.68 19.23
CA ALA C 9 17.64 -27.11 19.89
C ALA C 9 17.84 -27.48 21.37
N GLU C 10 16.79 -27.32 22.17
CA GLU C 10 16.77 -27.75 23.58
C GLU C 10 15.67 -28.77 23.87
N LEU C 11 15.99 -29.73 24.72
CA LEU C 11 15.07 -30.81 25.11
C LEU C 11 15.25 -30.96 26.59
N VAL C 12 14.32 -30.37 27.34
CA VAL C 12 14.57 -30.09 28.77
C VAL C 12 13.37 -30.41 29.61
N ARG C 13 13.58 -30.71 30.89
CA ARG C 13 12.47 -31.03 31.82
C ARG C 13 11.69 -29.79 32.25
N PRO C 14 10.38 -29.96 32.54
CA PRO C 14 9.67 -28.93 33.26
C PRO C 14 10.44 -28.44 34.47
N GLY C 15 10.39 -27.14 34.74
CA GLY C 15 11.08 -26.56 35.90
C GLY C 15 12.49 -26.05 35.60
N THR C 16 13.06 -26.46 34.49
CA THR C 16 14.38 -25.94 34.10
C THR C 16 14.29 -24.54 33.46
N SER C 17 15.45 -23.99 33.10
CA SER C 17 15.55 -22.75 32.35
CA SER C 17 15.57 -22.73 32.38
C SER C 17 16.44 -22.99 31.18
N VAL C 18 16.30 -22.18 30.13
CA VAL C 18 17.18 -22.25 28.96
C VAL C 18 17.58 -20.86 28.59
N LYS C 19 18.78 -20.73 28.04
CA LYS C 19 19.27 -19.48 27.54
C LYS C 19 19.73 -19.79 26.15
N MET C 20 19.14 -19.10 25.18
CA MET C 20 19.42 -19.30 23.78
C MET C 20 20.02 -18.04 23.17
N SER C 21 20.88 -18.23 22.16
CA SER C 21 21.58 -17.12 21.51
C SER C 21 21.18 -16.86 20.06
N CYS C 22 21.50 -15.66 19.60
CA CYS C 22 21.20 -15.22 18.25
C CYS C 22 22.36 -14.32 17.80
N LYS C 23 23.24 -14.85 16.97
CA LYS C 23 24.50 -14.18 16.67
C LYS C 23 24.31 -13.45 15.35
N ALA C 24 24.56 -12.15 15.36
CA ALA C 24 24.28 -11.29 14.22
C ALA C 24 25.53 -11.06 13.42
N ALA C 25 25.37 -11.00 12.10
CA ALA C 25 26.44 -10.61 11.19
C ALA C 25 25.87 -9.83 10.03
N GLY C 26 26.74 -9.01 9.45
CA GLY C 26 26.47 -8.34 8.19
C GLY C 26 25.79 -7.00 8.29
N TYR C 27 25.79 -6.40 9.47
CA TYR C 27 25.17 -5.10 9.71
C TYR C 27 25.65 -4.59 11.08
N THR C 28 25.33 -3.36 11.39
CA THR C 28 25.78 -2.76 12.65
C THR C 28 24.87 -3.21 13.79
N PHE C 29 25.40 -4.12 14.60
CA PHE C 29 24.65 -4.77 15.67
C PHE C 29 23.98 -3.79 16.64
N THR C 30 24.70 -2.74 17.00
CA THR C 30 24.24 -1.72 17.94
C THR C 30 23.30 -0.66 17.34
N LYS C 31 23.01 -0.74 16.06
CA LYS C 31 22.11 0.20 15.42
C LYS C 31 20.63 -0.26 15.33
N TYR C 32 20.35 -1.55 15.42
CA TYR C 32 19.00 -2.05 15.16
C TYR C 32 18.44 -2.83 16.33
N TRP C 33 17.15 -2.66 16.56
CA TRP C 33 16.39 -3.50 17.51
C TRP C 33 16.33 -4.93 17.03
N ILE C 34 16.42 -5.86 17.96
CA ILE C 34 16.18 -7.25 17.67
C ILE C 34 14.94 -7.65 18.42
N GLY C 35 13.98 -8.22 17.69
CA GLY C 35 12.75 -8.73 18.28
C GLY C 35 12.77 -10.25 18.40
N TRP C 36 11.91 -10.78 19.24
CA TRP C 36 11.82 -12.22 19.47
C TRP C 36 10.39 -12.65 19.39
N VAL C 37 10.20 -13.82 18.77
CA VAL C 37 8.89 -14.33 18.38
C VAL C 37 8.78 -15.83 18.73
N LYS C 38 7.66 -16.24 19.34
CA LYS C 38 7.33 -17.59 19.69
C LYS C 38 6.34 -18.23 18.66
N GLN C 39 6.73 -19.35 18.09
CA GLN C 39 5.88 -20.13 17.19
C GLN C 39 5.57 -21.48 17.81
N ARG C 40 4.39 -21.57 18.41
CA ARG C 40 3.94 -22.74 19.14
C ARG C 40 2.81 -23.33 18.31
N PRO C 41 2.90 -24.63 17.97
CA PRO C 41 1.82 -25.25 17.15
C PRO C 41 0.43 -25.03 17.75
N GLY C 42 -0.50 -24.67 16.87
CA GLY C 42 -1.87 -24.31 17.23
C GLY C 42 -2.03 -22.92 17.79
N HIS C 43 -0.93 -22.16 17.92
CA HIS C 43 -0.94 -20.82 18.53
C HIS C 43 -0.21 -19.81 17.68
N GLY C 44 -0.08 -20.09 16.41
CA GLY C 44 0.42 -19.14 15.46
C GLY C 44 1.78 -18.58 15.84
N LEU C 45 1.88 -17.26 15.74
CA LEU C 45 3.05 -16.49 16.10
C LEU C 45 2.64 -15.51 17.19
N GLU C 46 3.54 -15.26 18.13
CA GLU C 46 3.27 -14.42 19.29
C GLU C 46 4.57 -13.63 19.55
N TRP C 47 4.44 -12.31 19.70
CA TRP C 47 5.60 -11.46 19.93
C TRP C 47 5.96 -11.41 21.40
N ILE C 48 7.23 -11.58 21.67
CA ILE C 48 7.76 -11.67 23.05
C ILE C 48 8.27 -10.30 23.55
N GLY C 49 9.09 -9.65 22.74
CA GLY C 49 9.75 -8.46 23.18
C GLY C 49 10.86 -8.08 22.25
N ASP C 50 11.48 -6.95 22.54
CA ASP C 50 12.62 -6.53 21.74
C ASP C 50 13.63 -5.85 22.63
N ILE C 51 14.82 -5.66 22.06
CA ILE C 51 15.93 -5.05 22.75
C ILE C 51 16.81 -4.28 21.77
N HIS C 52 17.38 -3.18 22.25
CA HIS C 52 18.32 -2.37 21.44
C HIS C 52 19.71 -2.67 21.97
N PRO C 53 20.59 -3.30 21.15
CA PRO C 53 21.88 -3.67 21.75
C PRO C 53 22.83 -2.50 21.98
N GLY C 54 22.55 -1.34 21.42
CA GLY C 54 23.31 -0.09 21.75
C GLY C 54 22.94 0.49 23.11
N SER C 55 21.64 0.63 23.40
CA SER C 55 21.19 1.25 24.64
C SER C 55 20.84 0.27 25.74
N PHE C 56 20.67 -1.00 25.40
CA PHE C 56 20.15 -2.01 26.32
C PHE C 56 18.69 -1.80 26.76
N TYR C 57 17.99 -0.83 26.17
CA TYR C 57 16.54 -0.69 26.42
C TYR C 57 15.86 -1.94 25.90
N SER C 58 14.93 -2.47 26.69
CA SER C 58 14.13 -3.58 26.27
C SER C 58 12.68 -3.33 26.57
N ASN C 59 11.82 -4.00 25.81
CA ASN C 59 10.38 -3.94 25.95
C ASN C 59 9.80 -5.32 25.83
N TYR C 60 8.89 -5.64 26.70
CA TYR C 60 8.30 -6.98 26.69
C TYR C 60 6.80 -6.92 26.54
N ASN C 61 6.28 -7.93 25.86
CA ASN C 61 4.89 -8.26 25.95
C ASN C 61 4.61 -8.72 27.39
N GLU C 62 3.72 -8.02 28.08
CA GLU C 62 3.31 -8.35 29.45
C GLU C 62 3.13 -9.84 29.71
N LYS C 63 2.60 -10.57 28.74
CA LYS C 63 2.40 -12.00 28.88
C LYS C 63 3.68 -12.79 29.11
N PHE C 64 4.84 -12.24 28.78
CA PHE C 64 6.11 -12.91 29.05
C PHE C 64 6.92 -12.36 30.21
N LYS C 65 6.35 -11.36 30.91
CA LYS C 65 6.93 -10.85 32.16
C LYS C 65 7.16 -12.01 33.11
N GLY C 66 8.41 -12.19 33.48
CA GLY C 66 8.82 -13.28 34.36
C GLY C 66 9.09 -14.58 33.62
N LYS C 67 8.80 -14.63 32.33
CA LYS C 67 9.11 -15.81 31.51
C LYS C 67 10.40 -15.58 30.73
N ALA C 68 10.40 -14.49 29.96
CA ALA C 68 11.55 -14.13 29.12
C ALA C 68 12.38 -13.00 29.70
N THR C 69 13.69 -13.10 29.46
CA THR C 69 14.64 -12.05 29.77
C THR C 69 15.57 -11.90 28.57
N LEU C 70 15.64 -10.70 28.03
CA LEU C 70 16.44 -10.40 26.86
C LEU C 70 17.68 -9.65 27.27
N THR C 71 18.79 -10.04 26.69
CA THR C 71 20.07 -9.36 26.87
C THR C 71 20.81 -9.34 25.56
N ALA C 72 21.94 -8.65 25.54
CA ALA C 72 22.78 -8.59 24.35
C ALA C 72 24.24 -8.45 24.76
N ASP C 73 25.13 -9.01 23.95
CA ASP C 73 26.59 -8.89 24.20
C ASP C 73 27.21 -8.27 22.96
N THR C 74 27.63 -7.01 23.07
CA THR C 74 28.22 -6.31 21.94
C THR C 74 29.63 -6.80 21.62
N SER C 75 30.34 -7.44 22.56
CA SER C 75 31.66 -8.05 22.25
C SER C 75 31.58 -9.11 21.18
N SER C 76 30.50 -9.90 21.20
CA SER C 76 30.27 -10.99 20.24
C SER C 76 29.13 -10.80 19.23
N SER C 77 28.51 -9.61 19.24
CA SER C 77 27.34 -9.33 18.39
C SER C 77 26.26 -10.38 18.55
N THR C 78 25.95 -10.73 19.80
CA THR C 78 25.04 -11.83 20.14
C THR C 78 23.94 -11.30 21.06
N ALA C 79 22.70 -11.62 20.70
CA ALA C 79 21.54 -11.36 21.52
C ALA C 79 21.13 -12.66 22.20
N TYR C 80 20.70 -12.57 23.46
CA TYR C 80 20.26 -13.74 24.21
C TYR C 80 18.84 -13.58 24.63
N MET C 81 18.18 -14.73 24.76
CA MET C 81 16.92 -14.84 25.48
C MET C 81 16.97 -16.02 26.43
N GLN C 82 16.64 -15.76 27.69
CA GLN C 82 16.47 -16.78 28.73
C GLN C 82 14.98 -16.99 29.01
N LEU C 83 14.56 -18.26 28.98
CA LEU C 83 13.21 -18.60 29.35
C LEU C 83 13.33 -19.29 30.70
N SER C 84 12.59 -18.83 31.70
CA SER C 84 12.75 -19.41 33.03
C SER C 84 11.55 -20.26 33.43
N SER C 85 11.81 -21.20 34.34
CA SER C 85 10.79 -22.05 34.93
C SER C 85 9.84 -22.64 33.90
N LEU C 86 10.37 -23.52 33.06
CA LEU C 86 9.72 -23.95 31.85
C LEU C 86 8.53 -24.89 32.14
N THR C 87 7.45 -24.71 31.40
CA THR C 87 6.34 -25.63 31.37
C THR C 87 6.02 -26.04 29.94
N SER C 88 5.07 -26.96 29.83
CA SER C 88 4.67 -27.43 28.51
C SER C 88 4.16 -26.32 27.58
N GLU C 89 3.67 -25.22 28.13
CA GLU C 89 3.22 -24.08 27.31
C GLU C 89 4.38 -23.36 26.62
N ASP C 90 5.61 -23.62 27.09
CA ASP C 90 6.82 -23.04 26.54
C ASP C 90 7.42 -23.82 25.39
N SER C 91 6.90 -25.03 25.11
CA SER C 91 7.35 -25.84 23.95
C SER C 91 7.00 -25.18 22.63
N ALA C 92 8.02 -24.78 21.86
CA ALA C 92 7.83 -23.94 20.69
C ALA C 92 9.15 -23.73 19.98
N ILE C 93 9.06 -23.18 18.78
CA ILE C 93 10.20 -22.62 18.08
C ILE C 93 10.23 -21.09 18.33
N TYR C 94 11.41 -20.61 18.71
CA TYR C 94 11.59 -19.24 19.14
C TYR C 94 12.50 -18.61 18.10
N TYR C 95 12.03 -17.51 17.50
CA TYR C 95 12.86 -16.76 16.51
C TYR C 95 13.40 -15.41 16.99
N CYS C 96 14.61 -15.05 16.55
CA CYS C 96 15.05 -13.65 16.62
C CYS C 96 14.89 -13.08 15.23
N ALA C 97 14.71 -11.77 15.17
CA ALA C 97 14.52 -11.07 13.93
C ALA C 97 15.03 -9.66 14.07
N ARG C 98 15.74 -9.16 13.07
CA ARG C 98 16.19 -7.79 13.10
C ARG C 98 15.05 -6.89 12.65
N ASP C 99 14.86 -5.80 13.41
CA ASP C 99 13.87 -4.76 13.09
C ASP C 99 14.56 -3.72 12.22
N TYR C 100 14.19 -3.69 10.94
CA TYR C 100 14.77 -2.74 9.98
C TYR C 100 13.75 -1.64 9.66
N TYR C 101 13.78 -0.56 10.43
CA TYR C 101 12.82 0.55 10.26
C TYR C 101 11.36 0.06 10.32
N THR C 102 11.10 -0.84 11.28
CA THR C 102 9.80 -1.49 11.56
C THR C 102 9.57 -2.78 10.78
N ASN C 103 10.41 -3.07 9.80
CA ASN C 103 10.29 -4.33 9.04
C ASN C 103 11.12 -5.44 9.66
N TYR C 104 10.45 -6.51 10.08
CA TYR C 104 11.14 -7.74 10.47
C TYR C 104 11.37 -8.57 9.20
N GLY C 105 12.42 -8.16 8.49
CA GLY C 105 12.79 -8.71 7.20
C GLY C 105 13.79 -9.83 7.32
N ASP C 106 14.66 -9.75 8.32
CA ASP C 106 15.71 -10.75 8.57
C ASP C 106 15.40 -11.55 9.82
N TRP C 107 15.33 -12.86 9.62
CA TRP C 107 14.97 -13.81 10.66
C TRP C 107 16.05 -14.84 10.91
N GLY C 108 16.23 -15.24 12.16
CA GLY C 108 17.09 -16.35 12.45
C GLY C 108 16.40 -17.59 11.97
N GLN C 109 17.11 -18.71 12.01
CA GLN C 109 16.48 -20.02 11.64
C GLN C 109 15.60 -20.64 12.74
N GLY C 110 15.58 -20.04 13.93
CA GLY C 110 14.76 -20.53 15.03
C GLY C 110 15.49 -21.52 15.94
N THR C 111 15.13 -21.49 17.23
CA THR C 111 15.64 -22.46 18.22
C THR C 111 14.43 -23.23 18.75
N SER C 112 14.45 -24.53 18.54
CA SER C 112 13.41 -25.41 19.07
C SER C 112 13.64 -25.69 20.56
N VAL C 113 12.60 -25.45 21.35
CA VAL C 113 12.62 -25.75 22.77
C VAL C 113 11.46 -26.73 23.02
N THR C 114 11.81 -27.92 23.52
CA THR C 114 10.81 -28.94 23.81
C THR C 114 10.91 -29.30 25.28
N VAL C 115 9.79 -29.17 25.99
CA VAL C 115 9.73 -29.44 27.39
C VAL C 115 9.12 -30.81 27.60
N SER C 116 9.87 -31.68 28.29
CA SER C 116 9.58 -33.10 28.34
C SER C 116 10.23 -33.71 29.57
N SER C 117 9.50 -34.61 30.24
CA SER C 117 10.08 -35.38 31.36
C SER C 117 11.37 -36.15 31.02
N ALA C 118 11.52 -36.50 29.74
CA ALA C 118 12.70 -37.20 29.28
C ALA C 118 13.85 -36.28 28.88
N GLY C 119 13.71 -34.98 29.13
CA GLY C 119 14.74 -34.02 28.71
C GLY C 119 15.85 -33.88 29.73
N GLY C 120 16.78 -32.96 29.47
CA GLY C 120 17.84 -32.63 30.42
C GLY C 120 17.57 -31.53 31.43
N GLY C 121 18.64 -31.09 32.09
CA GLY C 121 18.57 -30.07 33.15
C GLY C 121 18.62 -28.61 32.75
N GLY C 122 18.74 -28.33 31.46
CA GLY C 122 18.78 -26.95 30.96
C GLY C 122 20.10 -26.22 31.17
N SER C 123 19.98 -24.90 31.11
CA SER C 123 21.09 -23.98 31.16
C SER C 123 21.44 -23.57 32.57
N GLY C 124 20.51 -23.77 33.50
CA GLY C 124 20.66 -23.26 34.83
C GLY C 124 20.25 -21.81 35.00
N GLY C 125 20.28 -21.33 36.24
CA GLY C 125 20.14 -19.90 36.52
C GLY C 125 18.75 -19.38 36.21
N GLY C 126 18.56 -18.09 35.88
CA GLY C 126 19.63 -17.12 35.62
C GLY C 126 19.63 -16.01 36.66
N GLY C 137 -2.46 0.02 28.74
CA GLY C 137 -3.70 0.00 27.98
C GLY C 137 -3.99 -1.36 27.37
N SER C 138 -4.94 -1.41 26.45
CA SER C 138 -5.36 -2.68 25.84
C SER C 138 -4.56 -2.94 24.54
N ASP C 139 -4.21 -4.19 24.31
CA ASP C 139 -3.41 -4.54 23.11
C ASP C 139 -4.22 -4.36 21.84
N ILE C 140 -3.55 -4.19 20.73
CA ILE C 140 -4.25 -4.17 19.44
C ILE C 140 -4.50 -5.61 19.06
N VAL C 141 -5.77 -5.93 18.83
CA VAL C 141 -6.21 -7.25 18.48
C VAL C 141 -6.27 -7.31 16.95
N MET C 142 -5.51 -8.25 16.39
CA MET C 142 -5.44 -8.53 14.97
C MET C 142 -6.24 -9.79 14.69
N THR C 143 -7.23 -9.71 13.81
CA THR C 143 -8.12 -10.85 13.59
CA THR C 143 -8.15 -10.84 13.58
C THR C 143 -8.06 -11.30 12.14
N GLN C 144 -7.91 -12.59 11.92
CA GLN C 144 -7.98 -13.18 10.60
C GLN C 144 -9.13 -14.15 10.68
N ALA C 145 -10.26 -13.84 10.05
CA ALA C 145 -11.49 -14.65 10.23
C ALA C 145 -11.41 -16.02 9.57
N ALA C 146 -10.60 -16.16 8.51
CA ALA C 146 -10.43 -17.45 7.85
C ALA C 146 -9.18 -18.19 8.35
N PRO C 147 -9.36 -19.37 9.01
CA PRO C 147 -8.21 -20.15 9.45
C PRO C 147 -7.50 -20.88 8.31
N SER C 148 -8.22 -21.13 7.21
CA SER C 148 -7.59 -21.69 6.03
C SER C 148 -8.31 -21.29 4.76
N VAL C 149 -7.64 -21.52 3.65
CA VAL C 149 -8.19 -21.26 2.34
C VAL C 149 -7.56 -22.23 1.34
N SER C 150 -8.37 -22.68 0.39
CA SER C 150 -7.97 -23.66 -0.60
C SER C 150 -8.06 -22.96 -1.97
N VAL C 151 -7.06 -23.13 -2.81
CA VAL C 151 -7.02 -22.47 -4.12
C VAL C 151 -6.49 -23.42 -5.20
N THR C 152 -7.08 -23.37 -6.37
CA THR C 152 -6.58 -24.20 -7.47
C THR C 152 -5.29 -23.51 -7.96
N PRO C 153 -4.22 -24.30 -8.19
CA PRO C 153 -2.94 -23.67 -8.52
C PRO C 153 -3.10 -22.80 -9.76
N GLY C 154 -2.52 -21.61 -9.71
CA GLY C 154 -2.58 -20.65 -10.81
C GLY C 154 -3.78 -19.72 -10.79
N GLU C 155 -4.73 -19.98 -9.91
CA GLU C 155 -5.77 -19.02 -9.60
C GLU C 155 -5.40 -18.13 -8.40
N SER C 156 -6.26 -17.16 -8.11
CA SER C 156 -5.88 -16.07 -7.21
C SER C 156 -6.73 -16.13 -5.95
N VAL C 157 -6.22 -15.56 -4.87
CA VAL C 157 -6.91 -15.61 -3.60
C VAL C 157 -6.64 -14.36 -2.74
N SER C 158 -7.60 -14.01 -1.87
CA SER C 158 -7.43 -12.95 -0.88
C SER C 158 -7.28 -13.52 0.51
N ILE C 159 -6.30 -13.02 1.26
CA ILE C 159 -6.22 -13.26 2.70
C ILE C 159 -6.55 -11.94 3.37
N SER C 160 -7.41 -12.03 4.40
CA SER C 160 -7.99 -10.86 5.05
C SER C 160 -7.55 -10.72 6.53
N CYS C 161 -7.54 -9.50 7.02
CA CYS C 161 -7.11 -9.20 8.39
C CYS C 161 -7.82 -7.92 8.80
N ARG C 162 -8.01 -7.78 10.09
CA ARG C 162 -8.57 -6.55 10.64
C ARG C 162 -7.84 -6.26 11.92
N SER C 163 -7.76 -4.96 12.23
CA SER C 163 -7.23 -4.50 13.51
C SER C 163 -8.33 -3.82 14.31
N SER C 164 -8.19 -3.91 15.63
CA SER C 164 -9.15 -3.33 16.57
C SER C 164 -9.00 -1.80 16.68
N LYS C 165 -7.90 -1.23 16.18
CA LYS C 165 -7.86 0.21 15.95
C LYS C 165 -7.08 0.49 14.71
N SER C 166 -7.13 1.73 14.28
CA SER C 166 -6.48 2.10 13.02
C SER C 166 -4.96 1.97 13.22
N LEU C 167 -4.31 1.44 12.18
CA LEU C 167 -2.87 1.30 12.17
C LEU C 167 -2.24 2.44 11.42
N LEU C 168 -3.04 3.41 11.03
CA LEU C 168 -2.53 4.58 10.35
C LEU C 168 -1.83 5.51 11.33
N HIS C 169 -0.55 5.78 11.07
CA HIS C 169 0.26 6.68 11.87
C HIS C 169 0.09 8.12 11.40
N ARG C 170 0.40 9.08 12.28
CA ARG C 170 0.44 10.50 11.88
C ARG C 170 1.42 10.81 10.72
N ASN C 171 2.44 9.99 10.52
CA ASN C 171 3.38 10.19 9.42
C ASN C 171 2.82 9.68 8.09
N GLY C 172 1.58 9.20 8.08
CA GLY C 172 0.91 8.82 6.85
C GLY C 172 1.09 7.35 6.49
N ASN C 173 1.93 6.63 7.23
CA ASN C 173 2.11 5.19 7.00
C ASN C 173 1.19 4.34 7.89
N THR C 174 0.86 3.15 7.38
CA THR C 174 -0.01 2.20 8.03
C THR C 174 0.82 1.00 8.41
N TYR C 175 1.03 0.78 9.71
CA TYR C 175 2.03 -0.21 10.18
C TYR C 175 1.46 -1.62 10.28
N LEU C 176 1.08 -2.11 9.12
CA LEU C 176 0.54 -3.45 8.91
C LEU C 176 1.55 -4.21 8.03
N PHE C 177 1.79 -5.47 8.40
CA PHE C 177 2.79 -6.32 7.76
C PHE C 177 2.22 -7.69 7.51
N TRP C 178 2.62 -8.30 6.40
CA TRP C 178 2.17 -9.64 6.05
C TRP C 178 3.38 -10.55 6.02
N PHE C 179 3.23 -11.72 6.61
CA PHE C 179 4.24 -12.76 6.66
C PHE C 179 3.71 -14.06 6.10
N LEU C 180 4.60 -14.82 5.43
CA LEU C 180 4.33 -16.21 5.06
C LEU C 180 5.35 -17.13 5.80
N GLN C 181 4.84 -18.20 6.42
CA GLN C 181 5.69 -19.22 6.98
C GLN C 181 5.42 -20.54 6.28
N ARG C 182 6.40 -20.98 5.50
CA ARG C 182 6.30 -22.25 4.79
C ARG C 182 6.77 -23.38 5.72
N PRO C 183 6.30 -24.62 5.44
CA PRO C 183 6.76 -25.75 6.27
C PRO C 183 8.28 -25.78 6.34
N GLY C 184 8.81 -25.93 7.56
CA GLY C 184 10.25 -26.06 7.79
C GLY C 184 11.05 -24.80 7.63
N GLN C 185 10.37 -23.65 7.52
CA GLN C 185 11.04 -22.36 7.29
C GLN C 185 10.67 -21.36 8.34
N SER C 186 11.53 -20.34 8.47
CA SER C 186 11.29 -19.17 9.29
C SER C 186 10.21 -18.33 8.60
N PRO C 187 9.43 -17.57 9.37
CA PRO C 187 8.52 -16.62 8.67
C PRO C 187 9.30 -15.69 7.73
N GLN C 188 8.69 -15.34 6.60
CA GLN C 188 9.26 -14.45 5.60
C GLN C 188 8.34 -13.20 5.48
N LEU C 189 8.94 -12.02 5.48
CA LEU C 189 8.18 -10.80 5.23
C LEU C 189 7.78 -10.69 3.76
N LEU C 190 6.50 -10.44 3.51
CA LEU C 190 5.96 -10.26 2.15
C LEU C 190 5.65 -8.80 1.79
N ILE C 191 4.89 -8.14 2.67
CA ILE C 191 4.41 -6.78 2.48
C ILE C 191 4.71 -6.05 3.79
N TYR C 192 5.32 -4.86 3.66
CA TYR C 192 5.58 -3.97 4.79
C TYR C 192 4.80 -2.66 4.66
N ARG C 193 4.35 -2.12 5.80
CA ARG C 193 3.59 -0.88 5.82
C ARG C 193 2.42 -0.87 4.83
N MET C 194 1.64 -1.95 4.92
CA MET C 194 0.35 -2.19 4.28
C MET C 194 0.44 -2.63 2.84
N SER C 195 1.27 -1.98 2.02
CA SER C 195 1.25 -2.15 0.59
C SER C 195 2.62 -2.17 -0.08
N ASN C 196 3.73 -2.18 0.67
CA ASN C 196 5.05 -2.13 0.03
C ASN C 196 5.55 -3.55 -0.09
N LEU C 197 5.96 -3.91 -1.30
CA LEU C 197 6.45 -5.24 -1.58
C LEU C 197 7.89 -5.41 -1.07
N ALA C 198 8.10 -6.40 -0.21
CA ALA C 198 9.45 -6.66 0.35
C ALA C 198 10.42 -7.14 -0.73
N SER C 199 11.73 -6.86 -0.56
CA SER C 199 12.76 -7.33 -1.51
C SER C 199 12.67 -8.82 -1.77
N GLY C 200 12.77 -9.21 -3.05
CA GLY C 200 12.84 -10.60 -3.42
C GLY C 200 11.52 -11.35 -3.31
N VAL C 201 10.42 -10.63 -3.04
CA VAL C 201 9.09 -11.24 -2.97
C VAL C 201 8.46 -11.00 -4.33
N PRO C 202 7.85 -12.05 -4.92
CA PRO C 202 7.22 -11.89 -6.22
C PRO C 202 6.13 -10.81 -6.24
N ASP C 203 6.03 -10.04 -7.33
CA ASP C 203 5.01 -9.01 -7.42
C ASP C 203 3.59 -9.56 -7.68
N ARG C 204 3.48 -10.89 -7.65
CA ARG C 204 2.19 -11.57 -7.47
C ARG C 204 1.50 -11.26 -6.16
N PHE C 205 2.27 -10.84 -5.15
CA PHE C 205 1.70 -10.46 -3.85
C PHE C 205 1.41 -8.97 -3.83
N SER C 206 0.22 -8.58 -3.37
CA SER C 206 -0.01 -7.16 -3.04
C SER C 206 -0.90 -6.91 -1.85
N GLY C 207 -0.61 -5.83 -1.15
CA GLY C 207 -1.31 -5.48 0.06
C GLY C 207 -2.07 -4.21 -0.11
N SER C 208 -3.28 -4.18 0.41
CA SER C 208 -4.06 -2.98 0.40
C SER C 208 -4.85 -2.92 1.70
N GLY C 209 -5.52 -1.81 1.92
CA GLY C 209 -6.30 -1.66 3.15
C GLY C 209 -6.99 -0.32 3.33
N SER C 210 -7.87 -0.27 4.33
CA SER C 210 -8.53 0.95 4.80
C SER C 210 -7.76 1.67 5.89
N GLY C 211 -7.09 0.95 6.79
CA GLY C 211 -6.79 1.54 8.12
C GLY C 211 -7.06 0.54 9.24
N THR C 212 -8.20 -0.16 9.16
CA THR C 212 -8.59 -1.23 10.09
C THR C 212 -8.94 -2.55 9.39
N ALA C 213 -8.93 -2.56 8.06
CA ALA C 213 -9.23 -3.77 7.27
C ALA C 213 -8.20 -3.84 6.15
N PHE C 214 -7.68 -5.04 5.94
CA PHE C 214 -6.51 -5.25 5.07
C PHE C 214 -6.69 -6.52 4.26
N THR C 215 -6.15 -6.48 3.05
CA THR C 215 -6.19 -7.60 2.11
C THR C 215 -4.82 -7.86 1.56
N LEU C 216 -4.41 -9.13 1.64
CA LEU C 216 -3.26 -9.62 0.93
C LEU C 216 -3.86 -10.44 -0.21
N ARG C 217 -3.63 -9.95 -1.42
CA ARG C 217 -4.11 -10.59 -2.63
C ARG C 217 -2.96 -11.30 -3.27
N ILE C 218 -3.10 -12.61 -3.43
CA ILE C 218 -2.06 -13.45 -4.04
C ILE C 218 -2.56 -13.85 -5.40
N SER C 219 -1.94 -13.29 -6.43
CA SER C 219 -2.29 -13.60 -7.82
C SER C 219 -1.54 -14.83 -8.28
N ARG C 220 -2.29 -15.71 -8.94
CA ARG C 220 -1.73 -16.83 -9.69
C ARG C 220 -0.87 -17.70 -8.77
N VAL C 221 -1.54 -18.32 -7.81
CA VAL C 221 -0.90 -19.03 -6.69
C VAL C 221 -0.02 -20.16 -7.21
N GLU C 222 1.21 -20.22 -6.70
CA GLU C 222 2.17 -21.22 -7.03
C GLU C 222 2.38 -22.15 -5.84
N ALA C 223 2.99 -23.30 -6.12
CA ALA C 223 3.26 -24.28 -5.06
C ALA C 223 4.06 -23.68 -3.92
N GLU C 224 5.01 -22.77 -4.22
CA GLU C 224 5.84 -22.12 -3.18
C GLU C 224 5.10 -21.14 -2.23
N ASP C 225 3.82 -20.84 -2.53
CA ASP C 225 2.96 -19.96 -1.75
C ASP C 225 2.21 -20.70 -0.64
N VAL C 226 2.33 -22.04 -0.62
CA VAL C 226 1.70 -22.84 0.40
C VAL C 226 2.36 -22.62 1.76
N GLY C 227 1.54 -22.41 2.78
CA GLY C 227 2.01 -22.15 4.13
C GLY C 227 0.98 -21.35 4.88
N VAL C 228 1.40 -20.71 5.96
CA VAL C 228 0.47 -19.95 6.82
C VAL C 228 0.86 -18.48 6.68
N TYR C 229 -0.14 -17.67 6.37
CA TYR C 229 -0.05 -16.23 6.23
C TYR C 229 -0.51 -15.55 7.52
N TYR C 230 0.35 -14.69 8.05
CA TYR C 230 0.04 -13.91 9.28
C TYR C 230 0.12 -12.43 8.99
N CYS C 231 -0.88 -11.67 9.45
CA CYS C 231 -0.77 -10.23 9.52
C CYS C 231 -0.16 -9.89 10.88
N MET C 232 0.48 -8.73 10.95
CA MET C 232 1.09 -8.18 12.17
C MET C 232 1.06 -6.64 12.17
N GLN C 233 0.89 -6.06 13.36
CA GLN C 233 0.90 -4.63 13.54
C GLN C 233 2.19 -4.28 14.26
N HIS C 234 2.87 -3.27 13.75
CA HIS C 234 4.10 -2.69 14.33
C HIS C 234 3.86 -1.25 14.69
N LEU C 235 2.62 -0.94 15.13
CA LEU C 235 2.28 0.45 15.44
C LEU C 235 2.71 0.75 16.85
N GLU C 236 2.26 -0.10 17.80
CA GLU C 236 2.50 0.13 19.21
C GLU C 236 2.74 -1.18 19.99
N TYR C 237 3.58 -1.09 20.98
CA TYR C 237 3.87 -2.19 21.84
C TYR C 237 2.62 -2.60 22.57
N PRO C 238 2.42 -3.90 22.85
CA PRO C 238 3.22 -4.98 22.29
C PRO C 238 2.81 -5.25 20.85
N TYR C 239 3.73 -5.66 19.99
CA TYR C 239 3.36 -6.02 18.62
C TYR C 239 2.54 -7.28 18.62
N THR C 240 1.57 -7.33 17.72
CA THR C 240 0.58 -8.40 17.71
C THR C 240 0.33 -8.96 16.33
N PHE C 241 0.11 -10.27 16.30
CA PHE C 241 -0.15 -11.01 15.07
C PHE C 241 -1.57 -11.52 15.04
N GLY C 242 -2.11 -11.65 13.82
CA GLY C 242 -3.35 -12.40 13.62
C GLY C 242 -3.08 -13.89 13.79
N SER C 243 -4.15 -14.67 13.87
CA SER C 243 -4.04 -16.09 14.16
C SER C 243 -3.62 -16.94 12.97
N GLY C 244 -3.50 -16.35 11.77
CA GLY C 244 -2.93 -17.05 10.64
C GLY C 244 -3.99 -17.68 9.73
N THR C 245 -3.75 -17.59 8.43
CA THR C 245 -4.56 -18.25 7.42
C THR C 245 -3.66 -19.23 6.65
N LYS C 246 -4.00 -20.52 6.77
CA LYS C 246 -3.28 -21.60 6.10
CA LYS C 246 -3.28 -21.60 6.10
C LYS C 246 -3.78 -21.68 4.66
N LEU C 247 -2.86 -21.52 3.72
CA LEU C 247 -3.16 -21.67 2.28
C LEU C 247 -2.75 -23.07 1.85
N GLU C 248 -3.67 -23.78 1.20
CA GLU C 248 -3.33 -25.07 0.61
C GLU C 248 -3.82 -25.14 -0.84
N LEU C 249 -3.12 -25.93 -1.65
CA LEU C 249 -3.52 -26.14 -3.04
C LEU C 249 -4.68 -27.12 -3.11
N LYS C 250 -5.61 -26.83 -4.01
CA LYS C 250 -6.83 -27.64 -4.19
C LYS C 250 -6.49 -28.83 -5.06
N ILE D 2 16.99 5.62 13.71
CA ILE D 2 16.30 4.63 14.59
C ILE D 2 16.52 5.02 16.05
N ALA D 3 15.43 5.23 16.76
CA ALA D 3 15.45 5.62 18.15
C ALA D 3 16.05 4.51 19.05
N TYR D 4 16.88 4.92 20.01
CA TYR D 4 17.44 4.00 21.00
C TYR D 4 16.46 3.61 22.10
N TYR D 5 15.32 4.29 22.19
CA TYR D 5 14.42 4.16 23.34
C TYR D 5 13.12 3.45 22.97
N THR D 6 12.82 3.33 21.68
CA THR D 6 11.71 2.46 21.25
C THR D 6 11.88 2.03 19.82
N SER D 7 11.34 0.87 19.47
CA SER D 7 11.25 0.48 18.05
C SER D 7 9.98 0.98 17.35
N GLU D 8 9.02 1.47 18.14
CA GLU D 8 7.75 1.93 17.61
C GLU D 8 7.99 3.14 16.71
N PRO D 9 7.27 3.23 15.57
CA PRO D 9 7.47 4.39 14.70
C PRO D 9 6.93 5.67 15.30
S SO4 E . -10.48 34.64 8.02
O1 SO4 E . -9.50 33.83 8.81
O2 SO4 E . -11.07 33.84 6.91
O3 SO4 E . -11.61 35.06 8.94
O4 SO4 E . -9.79 35.81 7.39
S SO4 F . -4.28 19.71 9.44
O1 SO4 F . -2.82 19.41 9.56
O2 SO4 F . -5.07 18.51 9.01
O3 SO4 F . -4.73 20.17 10.78
O4 SO4 F . -4.47 20.77 8.42
S SO4 G . -6.57 10.31 -41.64
O1 SO4 G . -6.36 10.02 -40.18
O2 SO4 G . -7.09 9.08 -42.30
O3 SO4 G . -7.55 11.39 -41.85
O4 SO4 G . -5.28 10.71 -42.28
S SO4 H . -24.41 -0.29 -11.30
O1 SO4 H . -24.00 -1.40 -10.38
O2 SO4 H . -23.40 -0.04 -12.37
O3 SO4 H . -24.60 1.03 -10.58
O4 SO4 H . -25.65 -0.79 -11.95
S SO4 I . 0.00 36.18 -3.03
O1 SO4 I . 0.17 35.12 -2.04
O2 SO4 I . 1.18 36.32 -3.89
O3 SO4 I . -1.20 35.85 -3.84
O4 SO4 I . -0.20 37.49 -2.38
S SO4 J . -5.86 -11.49 -9.63
O1 SO4 J . -7.29 -11.95 -9.72
O2 SO4 J . -4.98 -12.56 -10.12
O3 SO4 J . -5.63 -10.28 -10.46
O4 SO4 J . -5.50 -11.17 -8.20
S SO4 K . 24.14 -0.51 8.68
O1 SO4 K . 24.28 -1.87 9.28
O2 SO4 K . 24.64 -0.50 7.30
O3 SO4 K . 22.73 -0.11 8.61
O4 SO4 K . 24.87 0.47 9.53
S SO4 L . 6.67 -36.00 28.48
O1 SO4 L . 7.32 -37.26 28.96
O2 SO4 L . 7.33 -35.56 27.20
O3 SO4 L . 5.23 -36.21 28.31
O4 SO4 L . 6.85 -34.91 29.47
#